data_3UW1
#
_entry.id   3UW1
#
_cell.length_a   80.420
_cell.length_b   73.558
_cell.length_c   52.032
_cell.angle_alpha   90.00
_cell.angle_beta   127.97
_cell.angle_gamma   90.00
#
_symmetry.space_group_name_H-M   'C 1 2 1'
#
loop_
_entity.id
_entity.type
_entity.pdbx_description
1 polymer 'Ribose-5-phosphate isomerase A'
2 non-polymer RIBOSE-5-PHOSPHATE
3 water water
#
_entity_poly.entity_id   1
_entity_poly.type   'polypeptide(L)'
_entity_poly.pdbx_seq_one_letter_code
;GPGSMTLLMTQDELKRLVGEAAARYVTDNVPQGAVIGVGTGSTANCFIDALAAVKDRYRGAVSSSVATTERLKSHGIRVF
DLNEIESLQVYVDGADEIDESGAMIKGGGGALTREKIVASVAETFVCIADASKRVAMLGQFPLPVEVVPMARTAIGRRLA
ALGGVPVLRVKQDGTPYVTDNGNEILDVKGLRIDDPRALEAAINGWPGVVTVGLFAQRGADLCLLGTEHGVETLRYAAR
;
_entity_poly.pdbx_strand_id   A
#
# COMPACT_ATOMS: atom_id res chain seq x y z
N LEU A 7 25.10 -15.45 4.02
CA LEU A 7 24.95 -14.03 4.32
C LEU A 7 23.70 -13.78 5.16
N LEU A 8 23.84 -12.89 6.14
CA LEU A 8 22.76 -12.55 7.04
C LEU A 8 22.30 -11.11 6.83
N MET A 9 21.01 -10.93 6.50
CA MET A 9 20.42 -9.61 6.36
C MET A 9 19.22 -9.45 7.29
N THR A 10 19.16 -8.33 7.98
CA THR A 10 18.02 -8.04 8.84
C THR A 10 16.86 -7.58 7.97
N GLN A 11 15.69 -7.47 8.57
CA GLN A 11 14.53 -7.00 7.81
C GLN A 11 14.78 -5.57 7.31
N ASP A 12 15.37 -4.72 8.15
CA ASP A 12 15.68 -3.35 7.74
C ASP A 12 16.66 -3.31 6.54
N GLU A 13 17.65 -4.19 6.55
CA GLU A 13 18.57 -4.29 5.43
C GLU A 13 17.89 -4.78 4.15
N LEU A 14 16.94 -5.68 4.27
CA LEU A 14 16.19 -6.17 3.11
C LEU A 14 15.30 -5.04 2.56
N LYS A 15 14.71 -4.23 3.45
CA LYS A 15 13.91 -3.08 3.00
C LYS A 15 14.80 -2.08 2.23
N ARG A 16 16.00 -1.82 2.73
CA ARG A 16 16.93 -0.94 2.01
C ARG A 16 17.26 -1.52 0.62
N LEU A 17 17.51 -2.82 0.56
CA LEU A 17 17.83 -3.49 -0.72
C LEU A 17 16.73 -3.28 -1.76
N VAL A 18 15.48 -3.47 -1.36
CA VAL A 18 14.39 -3.31 -2.32
C VAL A 18 14.10 -1.84 -2.61
N GLY A 19 14.31 -0.95 -1.66
CA GLY A 19 14.18 0.47 -1.95
C GLY A 19 15.16 0.93 -3.02
N GLU A 20 16.41 0.47 -2.90
CA GLU A 20 17.44 0.78 -3.87
C GLU A 20 17.11 0.15 -5.23
N ALA A 21 16.62 -1.09 -5.20
CA ALA A 21 16.28 -1.78 -6.44
C ALA A 21 15.16 -1.04 -7.16
N ALA A 22 14.22 -0.49 -6.40
CA ALA A 22 13.12 0.26 -7.00
C ALA A 22 13.60 1.57 -7.59
N ALA A 23 14.54 2.25 -6.92
CA ALA A 23 15.10 3.46 -7.51
C ALA A 23 15.79 3.13 -8.84
N ARG A 24 16.46 1.97 -8.92
CA ARG A 24 17.09 1.57 -10.18
C ARG A 24 16.04 1.22 -11.24
N TYR A 25 14.94 0.62 -10.80
CA TYR A 25 13.84 0.30 -11.71
C TYR A 25 13.33 1.61 -12.33
N VAL A 26 13.13 2.62 -11.49
CA VAL A 26 12.69 3.92 -11.97
C VAL A 26 13.71 4.52 -12.96
N THR A 27 14.98 4.51 -12.62
CA THR A 27 15.98 5.12 -13.52
C THR A 27 16.06 4.38 -14.85
N ASP A 28 15.82 3.08 -14.80
CA ASP A 28 15.93 2.22 -15.97
C ASP A 28 14.69 2.30 -16.87
N ASN A 29 13.54 2.61 -16.29
CA ASN A 29 12.27 2.46 -17.01
C ASN A 29 11.45 3.72 -17.17
N VAL A 30 11.76 4.74 -16.38
CA VAL A 30 10.94 5.95 -16.34
C VAL A 30 11.77 7.12 -16.87
N PRO A 31 11.29 7.77 -17.93
CA PRO A 31 12.11 8.83 -18.56
C PRO A 31 12.30 10.07 -17.72
N GLN A 32 13.40 10.78 -18.01
CA GLN A 32 13.69 12.06 -17.40
C GLN A 32 12.49 12.98 -17.43
N GLY A 33 12.25 13.66 -16.33
CA GLY A 33 11.21 14.68 -16.26
C GLY A 33 9.89 14.16 -15.74
N ALA A 34 9.81 12.86 -15.51
CA ALA A 34 8.57 12.25 -15.05
C ALA A 34 8.24 12.65 -13.62
N VAL A 35 6.96 12.49 -13.28
CA VAL A 35 6.48 12.55 -11.90
C VAL A 35 6.27 11.10 -11.40
N ILE A 36 6.81 10.81 -10.22
CA ILE A 36 6.81 9.47 -9.67
C ILE A 36 5.72 9.34 -8.58
N GLY A 37 4.95 8.27 -8.62
CA GLY A 37 3.99 7.98 -7.57
C GLY A 37 4.69 7.28 -6.41
N VAL A 38 4.48 7.80 -5.20
CA VAL A 38 5.24 7.33 -4.04
C VAL A 38 4.34 6.85 -2.91
N GLY A 39 4.61 5.63 -2.49
CA GLY A 39 3.84 4.96 -1.45
C GLY A 39 4.18 5.45 -0.04
N THR A 40 3.78 4.63 0.93
CA THR A 40 3.84 4.96 2.35
C THR A 40 4.31 3.76 3.16
N GLY A 41 5.10 4.04 4.21
CA GLY A 41 5.54 3.02 5.14
C GLY A 41 7.05 2.91 5.18
N SER A 42 7.54 1.93 5.96
CA SER A 42 8.97 1.84 6.21
C SER A 42 9.76 1.43 4.96
N THR A 43 9.18 0.55 4.17
CA THR A 43 9.87 0.11 2.97
C THR A 43 9.83 1.26 1.94
N ALA A 44 8.69 1.91 1.79
CA ALA A 44 8.57 3.06 0.92
C ALA A 44 9.56 4.14 1.33
N ASN A 45 9.81 4.29 2.62
CA ASN A 45 10.75 5.33 3.06
C ASN A 45 12.16 5.02 2.58
N CYS A 46 12.52 3.74 2.53
CA CYS A 46 13.81 3.35 1.95
C CYS A 46 13.86 3.72 0.48
N PHE A 47 12.75 3.53 -0.22
CA PHE A 47 12.68 3.92 -1.63
C PHE A 47 12.84 5.44 -1.75
N ILE A 48 12.16 6.20 -0.91
CA ILE A 48 12.27 7.66 -0.94
C ILE A 48 13.72 8.11 -0.80
N ASP A 49 14.43 7.52 0.14
CA ASP A 49 15.83 7.88 0.37
C ASP A 49 16.68 7.58 -0.86
N ALA A 50 16.40 6.45 -1.51
CA ALA A 50 17.14 6.06 -2.70
C ALA A 50 16.77 6.93 -3.91
N LEU A 51 15.49 7.25 -4.03
CA LEU A 51 15.03 8.13 -5.09
C LEU A 51 15.69 9.52 -4.96
N ALA A 52 15.90 9.96 -3.72
CA ALA A 52 16.47 11.28 -3.48
C ALA A 52 17.83 11.40 -4.16
N ALA A 53 18.55 10.28 -4.27
CA ALA A 53 19.89 10.30 -4.86
C ALA A 53 19.84 10.56 -6.38
N VAL A 54 18.69 10.31 -6.99
CA VAL A 54 18.54 10.54 -8.43
C VAL A 54 17.46 11.56 -8.74
N LYS A 55 17.10 12.36 -7.73
CA LYS A 55 15.96 13.24 -7.88
C LYS A 55 16.09 14.28 -8.99
N ASP A 56 17.32 14.63 -9.35
CA ASP A 56 17.50 15.67 -10.37
C ASP A 56 16.99 15.29 -11.75
N ARG A 57 16.73 14.00 -11.97
CA ARG A 57 16.22 13.54 -13.27
C ARG A 57 14.71 13.49 -13.34
N TYR A 58 14.05 13.83 -12.23
CA TYR A 58 12.58 13.79 -12.18
C TYR A 58 11.98 15.11 -11.75
N ARG A 59 10.78 15.37 -12.21
CA ARG A 59 10.10 16.62 -11.91
C ARG A 59 9.67 16.66 -10.45
N GLY A 60 9.27 15.50 -9.92
CA GLY A 60 8.76 15.47 -8.56
C GLY A 60 7.96 14.21 -8.35
N ALA A 61 7.00 14.28 -7.44
CA ALA A 61 6.31 13.11 -6.98
C ALA A 61 4.85 13.44 -6.68
N VAL A 62 4.01 12.42 -6.78
CA VAL A 62 2.71 12.44 -6.15
C VAL A 62 2.78 11.57 -4.89
N SER A 63 2.28 12.09 -3.78
CA SER A 63 2.41 11.43 -2.49
C SER A 63 1.14 10.77 -2.03
N SER A 64 1.29 9.60 -1.39
CA SER A 64 0.18 8.86 -0.84
C SER A 64 -0.12 9.09 0.65
N SER A 65 0.65 9.95 1.32
CA SER A 65 0.36 10.26 2.72
C SER A 65 1.03 11.54 3.18
N VAL A 66 0.52 12.09 4.27
CA VAL A 66 1.20 13.18 4.96
C VAL A 66 2.63 12.82 5.33
N ALA A 67 2.86 11.65 5.92
CA ALA A 67 4.21 11.24 6.27
C ALA A 67 5.14 11.21 5.03
N THR A 68 4.64 10.65 3.93
CA THR A 68 5.44 10.55 2.75
C THR A 68 5.75 11.94 2.18
N THR A 69 4.77 12.81 2.21
CA THR A 69 4.99 14.16 1.72
C THR A 69 6.08 14.86 2.54
N GLU A 70 6.02 14.70 3.85
CA GLU A 70 7.05 15.28 4.72
C GLU A 70 8.44 14.73 4.39
N ARG A 71 8.53 13.42 4.14
CA ARG A 71 9.83 12.84 3.82
C ARG A 71 10.34 13.29 2.45
N LEU A 72 9.45 13.32 1.46
CA LEU A 72 9.84 13.79 0.14
C LEU A 72 10.36 15.24 0.23
N LYS A 73 9.62 16.07 0.94
CA LYS A 73 9.99 17.47 1.10
C LYS A 73 11.30 17.63 1.85
N SER A 74 11.58 16.74 2.80
CA SER A 74 12.86 16.80 3.51
C SER A 74 14.05 16.58 2.60
N HIS A 75 13.79 15.99 1.44
CA HIS A 75 14.79 15.74 0.42
C HIS A 75 14.74 16.72 -0.71
N GLY A 76 13.89 17.70 -0.62
CA GLY A 76 13.79 18.75 -1.61
C GLY A 76 13.13 18.24 -2.89
N ILE A 77 12.32 17.21 -2.76
CA ILE A 77 11.56 16.68 -3.89
C ILE A 77 10.20 17.38 -3.95
N ARG A 78 9.86 17.90 -5.12
CA ARG A 78 8.59 18.60 -5.31
C ARG A 78 7.42 17.63 -5.25
N VAL A 79 6.38 18.01 -4.51
CA VAL A 79 5.18 17.18 -4.41
C VAL A 79 4.02 17.86 -5.12
N PHE A 80 3.38 17.14 -6.03
CA PHE A 80 2.25 17.62 -6.80
C PHE A 80 0.97 16.99 -6.26
N ASP A 81 -0.09 17.78 -6.10
CA ASP A 81 -1.41 17.23 -5.82
C ASP A 81 -1.86 16.41 -7.04
N LEU A 82 -2.51 15.27 -6.77
CA LEU A 82 -2.85 14.35 -7.85
C LEU A 82 -3.76 15.01 -8.89
N ASN A 83 -4.60 15.96 -8.49
CA ASN A 83 -5.50 16.63 -9.42
C ASN A 83 -4.74 17.41 -10.48
N GLU A 84 -3.48 17.74 -10.20
CA GLU A 84 -2.61 18.45 -11.15
C GLU A 84 -2.01 17.55 -12.21
N ILE A 85 -2.13 16.24 -12.04
CA ILE A 85 -1.38 15.27 -12.82
C ILE A 85 -2.31 14.40 -13.65
N GLU A 86 -2.10 14.38 -14.97
CA GLU A 86 -3.01 13.69 -15.86
C GLU A 86 -2.74 12.19 -15.93
N SER A 87 -1.50 11.79 -15.67
CA SER A 87 -1.14 10.38 -15.71
C SER A 87 0.13 10.13 -14.92
N LEU A 88 0.32 8.87 -14.53
CA LEU A 88 1.51 8.44 -13.83
C LEU A 88 1.93 7.10 -14.42
N GLN A 89 3.19 6.97 -14.78
CA GLN A 89 3.69 5.70 -15.28
C GLN A 89 3.84 4.69 -14.14
N VAL A 90 4.38 5.14 -13.02
CA VAL A 90 4.71 4.21 -11.94
C VAL A 90 4.29 4.68 -10.57
N TYR A 91 3.93 3.71 -9.74
CA TYR A 91 3.63 3.91 -8.33
C TYR A 91 4.38 2.83 -7.57
N VAL A 92 5.26 3.25 -6.67
CA VAL A 92 6.13 2.37 -5.92
C VAL A 92 5.69 2.39 -4.45
N ASP A 93 5.32 1.24 -3.91
CA ASP A 93 4.75 1.20 -2.57
C ASP A 93 4.99 -0.17 -1.94
N GLY A 94 4.92 -0.21 -0.63
CA GLY A 94 4.99 -1.46 0.10
C GLY A 94 3.66 -2.17 0.19
N ALA A 95 3.62 -3.25 0.95
CA ALA A 95 2.38 -3.99 1.22
C ALA A 95 2.53 -4.69 2.53
N ASP A 96 1.43 -4.87 3.23
CA ASP A 96 1.44 -5.65 4.45
C ASP A 96 1.52 -7.13 4.11
N GLU A 97 0.86 -7.53 3.04
CA GLU A 97 0.99 -8.90 2.50
C GLU A 97 0.76 -8.87 1.00
N ILE A 98 1.33 -9.85 0.31
CA ILE A 98 1.14 -10.01 -1.11
C ILE A 98 1.07 -11.52 -1.38
N ASP A 99 0.10 -11.95 -2.20
CA ASP A 99 -0.07 -13.38 -2.51
C ASP A 99 0.49 -13.70 -3.90
N GLU A 100 0.28 -14.93 -4.37
CA GLU A 100 0.89 -15.38 -5.61
C GLU A 100 0.29 -14.67 -6.82
N SER A 101 -0.90 -14.12 -6.66
CA SER A 101 -1.52 -13.36 -7.74
C SER A 101 -1.12 -11.89 -7.75
N GLY A 102 -0.33 -11.45 -6.77
CA GLY A 102 0.03 -10.04 -6.68
C GLY A 102 -1.04 -9.19 -6.01
N ALA A 103 -2.11 -9.80 -5.53
CA ALA A 103 -3.07 -9.11 -4.67
C ALA A 103 -2.41 -8.78 -3.35
N MET A 104 -2.75 -7.62 -2.81
CA MET A 104 -2.12 -7.13 -1.59
C MET A 104 -3.13 -6.75 -0.53
N ILE A 105 -2.73 -6.95 0.72
CA ILE A 105 -3.34 -6.25 1.83
C ILE A 105 -2.45 -5.04 2.13
N LYS A 106 -3.08 -3.88 2.20
CA LYS A 106 -2.45 -2.63 2.55
C LYS A 106 -3.35 -1.84 3.51
N GLY A 107 -2.82 -0.76 4.06
CA GLY A 107 -3.52 0.05 5.01
C GLY A 107 -3.15 -0.20 6.49
N GLY A 108 -2.19 -1.07 6.75
CA GLY A 108 -1.76 -1.39 8.10
C GLY A 108 -1.26 -0.17 8.84
N GLY A 109 -0.65 0.74 8.08
CA GLY A 109 -0.19 2.00 8.63
C GLY A 109 -1.12 3.13 8.21
N GLY A 110 -0.57 4.28 7.83
CA GLY A 110 -1.42 5.38 7.39
C GLY A 110 -2.05 5.26 6.00
N ALA A 111 -2.96 6.17 5.70
CA ALA A 111 -3.38 6.51 4.32
C ALA A 111 -3.76 5.38 3.34
N LEU A 112 -4.52 4.42 3.83
CA LEU A 112 -5.15 3.42 2.98
C LEU A 112 -5.81 4.02 1.69
N THR A 113 -6.68 4.97 1.90
CA THR A 113 -7.47 5.53 0.81
C THR A 113 -6.59 6.24 -0.24
N ARG A 114 -5.68 7.08 0.24
N ARG A 114 -5.65 7.05 0.23
CA ARG A 114 -4.79 7.83 -0.67
CA ARG A 114 -4.82 7.80 -0.71
C ARG A 114 -3.91 6.89 -1.49
C ARG A 114 -3.88 6.90 -1.48
N GLU A 115 -3.39 5.84 -0.85
CA GLU A 115 -2.56 4.88 -1.56
C GLU A 115 -3.34 4.24 -2.67
N LYS A 116 -4.58 3.86 -2.40
CA LYS A 116 -5.37 3.17 -3.39
C LYS A 116 -5.73 4.10 -4.57
N ILE A 117 -5.96 5.35 -4.28
CA ILE A 117 -6.23 6.36 -5.31
C ILE A 117 -5.01 6.55 -6.21
N VAL A 118 -3.82 6.73 -5.64
CA VAL A 118 -2.65 6.98 -6.48
C VAL A 118 -2.38 5.73 -7.33
N ALA A 119 -2.48 4.55 -6.72
CA ALA A 119 -2.31 3.30 -7.41
C ALA A 119 -3.29 3.16 -8.56
N SER A 120 -4.49 3.71 -8.42
CA SER A 120 -5.51 3.57 -9.46
C SER A 120 -5.19 4.34 -10.75
N VAL A 121 -4.38 5.37 -10.64
CA VAL A 121 -4.02 6.22 -11.75
C VAL A 121 -2.76 5.69 -12.42
N ALA A 122 -1.82 5.15 -11.64
CA ALA A 122 -0.55 4.70 -12.18
C ALA A 122 -0.69 3.49 -13.11
N GLU A 123 0.08 3.49 -14.18
CA GLU A 123 0.05 2.38 -15.11
C GLU A 123 0.65 1.14 -14.46
N THR A 124 1.74 1.33 -13.72
CA THR A 124 2.49 0.21 -13.17
C THR A 124 2.65 0.35 -11.68
N PHE A 125 2.21 -0.67 -10.94
CA PHE A 125 2.37 -0.74 -9.50
C PHE A 125 3.57 -1.62 -9.19
N VAL A 126 4.62 -1.01 -8.64
CA VAL A 126 5.80 -1.76 -8.20
C VAL A 126 5.70 -1.96 -6.69
N CYS A 127 5.47 -3.19 -6.25
CA CYS A 127 5.43 -3.47 -4.82
C CYS A 127 6.84 -3.77 -4.34
N ILE A 128 7.29 -3.06 -3.30
CA ILE A 128 8.59 -3.33 -2.68
C ILE A 128 8.35 -3.94 -1.28
N ALA A 129 8.95 -5.10 -1.01
CA ALA A 129 8.66 -5.81 0.22
C ALA A 129 9.79 -6.77 0.53
N ASP A 130 10.05 -6.99 1.81
CA ASP A 130 10.88 -8.10 2.23
C ASP A 130 10.13 -9.44 2.13
N ALA A 131 10.87 -10.54 2.18
CA ALA A 131 10.32 -11.87 1.94
C ALA A 131 9.16 -12.23 2.86
N SER A 132 9.12 -11.66 4.07
CA SER A 132 8.07 -12.02 5.02
C SER A 132 6.67 -11.58 4.56
N LYS A 133 6.59 -10.70 3.56
CA LYS A 133 5.30 -10.20 3.11
C LYS A 133 4.59 -11.17 2.13
N ARG A 134 5.35 -12.06 1.50
N ARG A 134 5.35 -12.06 1.49
CA ARG A 134 4.82 -13.01 0.52
CA ARG A 134 4.80 -12.99 0.52
C ARG A 134 4.15 -14.19 1.22
C ARG A 134 4.15 -14.18 1.21
N VAL A 135 2.83 -14.30 1.04
CA VAL A 135 2.05 -15.33 1.71
C VAL A 135 1.27 -16.19 0.70
N ALA A 136 0.97 -17.41 1.11
CA ALA A 136 0.11 -18.28 0.29
C ALA A 136 -1.33 -17.77 0.17
N MET A 137 -1.86 -17.25 1.26
CA MET A 137 -3.22 -16.74 1.30
C MET A 137 -3.26 -15.51 2.18
N LEU A 138 -3.83 -14.43 1.64
CA LEU A 138 -3.97 -13.20 2.39
C LEU A 138 -4.90 -13.39 3.60
N GLY A 139 -4.65 -12.65 4.67
CA GLY A 139 -5.61 -12.56 5.76
C GLY A 139 -5.03 -12.67 7.16
N GLN A 140 -3.81 -13.21 7.31
CA GLN A 140 -3.26 -13.33 8.66
C GLN A 140 -2.81 -11.94 9.16
N PHE A 141 -2.45 -11.04 8.26
CA PHE A 141 -2.34 -9.64 8.61
C PHE A 141 -3.77 -9.07 8.56
N PRO A 142 -4.19 -8.37 9.61
CA PRO A 142 -5.59 -7.91 9.67
C PRO A 142 -5.93 -7.02 8.50
N LEU A 143 -7.09 -7.26 7.91
CA LEU A 143 -7.51 -6.48 6.74
C LEU A 143 -8.10 -5.16 7.16
N PRO A 144 -7.51 -4.05 6.70
CA PRO A 144 -8.08 -2.76 7.10
C PRO A 144 -9.30 -2.40 6.25
N VAL A 145 -10.36 -1.94 6.91
CA VAL A 145 -11.54 -1.43 6.21
C VAL A 145 -11.83 -0.03 6.76
N GLU A 146 -11.77 0.98 5.91
CA GLU A 146 -12.10 2.35 6.33
C GLU A 146 -13.62 2.55 6.20
N VAL A 147 -14.24 2.98 7.31
CA VAL A 147 -15.69 3.06 7.44
C VAL A 147 -16.14 4.41 7.98
N VAL A 148 -17.29 4.84 7.47
CA VAL A 148 -17.96 6.00 8.00
C VAL A 148 -18.40 5.60 9.41
N PRO A 149 -18.19 6.45 10.41
CA PRO A 149 -18.47 5.99 11.79
C PRO A 149 -19.89 5.52 12.07
N MET A 150 -20.88 6.15 11.45
N MET A 150 -20.92 6.12 11.48
CA MET A 150 -22.26 5.75 11.61
CA MET A 150 -22.27 5.66 11.74
C MET A 150 -22.48 4.29 11.20
C MET A 150 -22.52 4.27 11.17
N ALA A 151 -21.61 3.78 10.33
CA ALA A 151 -21.73 2.42 9.78
C ALA A 151 -20.84 1.40 10.49
N ARG A 152 -20.11 1.83 11.51
N ARG A 152 -20.10 1.83 11.51
CA ARG A 152 -19.15 0.96 12.16
CA ARG A 152 -19.15 0.96 12.16
C ARG A 152 -19.73 -0.39 12.55
C ARG A 152 -19.73 -0.39 12.55
N THR A 153 -20.88 -0.38 13.21
CA THR A 153 -21.46 -1.61 13.68
C THR A 153 -22.12 -2.40 12.55
N ALA A 154 -22.76 -1.71 11.61
CA ALA A 154 -23.36 -2.40 10.47
C ALA A 154 -22.33 -3.16 9.67
N ILE A 155 -21.19 -2.51 9.41
CA ILE A 155 -20.11 -3.16 8.67
C ILE A 155 -19.46 -4.25 9.51
N GLY A 156 -19.26 -4.00 10.79
CA GLY A 156 -18.74 -5.06 11.67
C GLY A 156 -19.59 -6.31 11.66
N ARG A 157 -20.90 -6.17 11.65
CA ARG A 157 -21.78 -7.34 11.60
C ARG A 157 -21.63 -8.10 10.28
N ARG A 158 -21.52 -7.39 9.16
CA ARG A 158 -21.29 -8.05 7.89
C ARG A 158 -19.99 -8.84 7.91
N LEU A 159 -18.96 -8.27 8.54
CA LEU A 159 -17.66 -8.94 8.63
C LEU A 159 -17.74 -10.16 9.56
N ALA A 160 -18.44 -10.03 10.68
CA ALA A 160 -18.60 -11.16 11.61
C ALA A 160 -19.35 -12.32 10.96
N ALA A 161 -20.25 -12.01 10.03
CA ALA A 161 -21.01 -13.03 9.30
C ALA A 161 -20.09 -13.92 8.48
N LEU A 162 -18.93 -13.37 8.10
CA LEU A 162 -17.92 -14.06 7.32
C LEU A 162 -16.89 -14.76 8.21
N GLY A 163 -17.08 -14.65 9.53
CA GLY A 163 -16.16 -15.22 10.50
C GLY A 163 -15.06 -14.25 10.89
N GLY A 164 -15.11 -13.04 10.35
CA GLY A 164 -14.13 -12.02 10.66
C GLY A 164 -14.30 -11.44 12.05
N VAL A 165 -13.17 -11.04 12.64
CA VAL A 165 -13.15 -10.45 13.98
C VAL A 165 -12.76 -8.98 13.81
N PRO A 166 -13.75 -8.07 13.84
CA PRO A 166 -13.46 -6.67 13.50
C PRO A 166 -13.00 -5.91 14.73
N VAL A 167 -11.82 -5.29 14.61
CA VAL A 167 -11.24 -4.56 15.72
C VAL A 167 -11.08 -3.10 15.33
N LEU A 168 -11.85 -2.24 15.98
CA LEU A 168 -11.75 -0.82 15.74
C LEU A 168 -10.34 -0.32 16.06
N ARG A 169 -9.71 0.37 15.12
CA ARG A 169 -8.34 0.81 15.33
C ARG A 169 -8.32 1.95 16.33
N VAL A 170 -7.43 1.86 17.30
CA VAL A 170 -7.30 2.87 18.33
C VAL A 170 -5.89 3.45 18.35
N LYS A 171 -5.80 4.68 18.83
CA LYS A 171 -4.54 5.37 19.03
C LYS A 171 -3.94 4.91 20.36
N GLN A 172 -2.73 5.35 20.66
CA GLN A 172 -2.09 5.02 21.93
C GLN A 172 -3.02 5.36 23.09
N ASP A 173 -3.69 6.50 22.99
CA ASP A 173 -4.54 6.96 24.10
C ASP A 173 -5.88 6.20 24.20
N GLY A 174 -6.08 5.20 23.34
CA GLY A 174 -7.25 4.35 23.44
C GLY A 174 -8.50 4.84 22.71
N THR A 175 -8.49 6.08 22.23
CA THR A 175 -9.63 6.58 21.47
C THR A 175 -9.48 6.18 20.01
N PRO A 176 -10.57 6.23 19.24
CA PRO A 176 -10.52 5.71 17.86
C PRO A 176 -9.56 6.49 16.98
N TYR A 177 -8.75 5.77 16.23
CA TYR A 177 -7.97 6.38 15.17
C TYR A 177 -8.98 6.95 14.16
N VAL A 178 -8.76 8.17 13.72
CA VAL A 178 -9.61 8.74 12.69
C VAL A 178 -8.74 9.08 11.49
N THR A 179 -9.22 8.76 10.30
CA THR A 179 -8.45 8.98 9.10
C THR A 179 -8.55 10.44 8.69
N ASP A 180 -7.94 10.71 7.55
CA ASP A 180 -7.81 12.03 7.00
C ASP A 180 -9.16 12.52 6.52
N ASN A 181 -10.03 11.57 6.21
CA ASN A 181 -11.37 11.91 5.76
C ASN A 181 -12.43 11.76 6.84
N GLY A 182 -12.01 11.71 8.11
CA GLY A 182 -12.91 11.71 9.25
C GLY A 182 -13.56 10.36 9.54
N ASN A 183 -12.89 9.29 9.12
CA ASN A 183 -13.44 7.96 9.20
C ASN A 183 -12.65 7.10 10.16
N GLU A 184 -13.25 5.96 10.51
CA GLU A 184 -12.63 4.99 11.40
C GLU A 184 -12.06 3.85 10.55
N ILE A 185 -11.21 3.00 11.15
CA ILE A 185 -10.74 1.81 10.49
C ILE A 185 -11.10 0.62 11.34
N LEU A 186 -11.70 -0.37 10.71
CA LEU A 186 -11.83 -1.69 11.31
C LEU A 186 -10.72 -2.58 10.75
N ASP A 187 -9.87 -3.10 11.64
CA ASP A 187 -8.86 -4.07 11.25
C ASP A 187 -9.45 -5.45 11.50
N VAL A 188 -9.63 -6.22 10.43
CA VAL A 188 -10.41 -7.45 10.51
C VAL A 188 -9.51 -8.67 10.51
N LYS A 189 -9.60 -9.44 11.58
CA LYS A 189 -8.76 -10.63 11.79
C LYS A 189 -9.54 -11.90 11.47
N GLY A 190 -8.81 -12.96 11.20
CA GLY A 190 -9.44 -14.25 11.04
C GLY A 190 -10.04 -14.59 9.68
N LEU A 191 -9.88 -13.71 8.69
CA LEU A 191 -10.30 -14.05 7.34
C LEU A 191 -9.21 -14.84 6.63
N ARG A 192 -9.62 -15.81 5.82
N ARG A 192 -9.63 -15.81 5.83
CA ARG A 192 -8.72 -16.56 4.96
CA ARG A 192 -8.73 -16.53 4.94
C ARG A 192 -9.14 -16.27 3.51
C ARG A 192 -9.19 -16.20 3.53
N ILE A 193 -8.44 -15.32 2.88
CA ILE A 193 -8.95 -14.65 1.68
C ILE A 193 -8.46 -15.34 0.42
N ASP A 194 -9.15 -16.42 0.07
CA ASP A 194 -8.76 -17.22 -1.07
C ASP A 194 -9.15 -16.59 -2.39
N ASP A 195 -10.09 -15.64 -2.39
CA ASP A 195 -10.53 -14.97 -3.62
C ASP A 195 -10.57 -13.46 -3.37
N PRO A 196 -9.39 -12.83 -3.35
CA PRO A 196 -9.36 -11.41 -2.95
C PRO A 196 -10.11 -10.47 -3.88
N ARG A 197 -10.16 -10.76 -5.18
CA ARG A 197 -10.91 -9.86 -6.06
C ARG A 197 -12.41 -9.91 -5.72
N ALA A 198 -12.91 -11.10 -5.42
CA ALA A 198 -14.31 -11.28 -5.08
C ALA A 198 -14.64 -10.59 -3.75
N LEU A 199 -13.78 -10.79 -2.75
CA LEU A 199 -14.02 -10.17 -1.45
C LEU A 199 -13.93 -8.64 -1.54
N GLU A 200 -12.98 -8.14 -2.33
CA GLU A 200 -12.84 -6.73 -2.55
C GLU A 200 -14.16 -6.14 -3.09
N ALA A 201 -14.73 -6.80 -4.10
CA ALA A 201 -15.96 -6.29 -4.71
C ALA A 201 -17.11 -6.35 -3.71
N ALA A 202 -17.15 -7.40 -2.93
CA ALA A 202 -18.25 -7.54 -1.96
C ALA A 202 -18.20 -6.42 -0.93
N ILE A 203 -17.00 -6.18 -0.38
CA ILE A 203 -16.86 -5.14 0.64
C ILE A 203 -17.07 -3.74 0.06
N ASN A 204 -16.57 -3.49 -1.15
CA ASN A 204 -16.80 -2.22 -1.82
C ASN A 204 -18.27 -1.95 -2.09
N GLY A 205 -19.07 -3.00 -2.08
CA GLY A 205 -20.51 -2.86 -2.31
C GLY A 205 -21.31 -2.53 -1.07
N TRP A 206 -20.68 -2.51 0.11
CA TRP A 206 -21.37 -2.21 1.35
C TRP A 206 -21.41 -0.74 1.66
N PRO A 207 -22.60 -0.16 1.72
CA PRO A 207 -22.65 1.26 2.07
C PRO A 207 -22.00 1.53 3.43
N GLY A 208 -21.20 2.59 3.51
CA GLY A 208 -20.50 2.89 4.75
C GLY A 208 -19.02 2.53 4.65
N VAL A 209 -18.69 1.64 3.70
CA VAL A 209 -17.27 1.39 3.39
C VAL A 209 -16.75 2.52 2.52
N VAL A 210 -15.63 3.10 2.93
CA VAL A 210 -14.96 4.12 2.14
C VAL A 210 -13.95 3.44 1.23
N THR A 211 -13.06 2.65 1.81
CA THR A 211 -12.03 1.91 1.09
C THR A 211 -11.74 0.64 1.85
N VAL A 212 -11.47 -0.44 1.12
CA VAL A 212 -11.01 -1.69 1.70
C VAL A 212 -9.58 -1.95 1.26
N GLY A 213 -8.76 -2.36 2.21
CA GLY A 213 -7.34 -2.57 1.99
C GLY A 213 -6.97 -3.85 1.27
N LEU A 214 -7.82 -4.30 0.35
CA LEU A 214 -7.46 -5.33 -0.62
C LEU A 214 -7.16 -4.60 -1.90
N PHE A 215 -5.93 -4.71 -2.40
CA PHE A 215 -5.57 -4.16 -3.70
C PHE A 215 -5.47 -5.40 -4.59
N ALA A 216 -6.57 -5.78 -5.22
CA ALA A 216 -6.67 -7.07 -5.91
C ALA A 216 -7.20 -6.93 -7.32
N GLN A 217 -8.28 -6.17 -7.48
CA GLN A 217 -8.81 -5.89 -8.79
C GLN A 217 -7.71 -5.12 -9.51
N ARG A 218 -6.98 -4.31 -8.76
CA ARG A 218 -5.79 -3.61 -9.26
C ARG A 218 -4.68 -3.96 -8.26
N GLY A 219 -3.98 -5.05 -8.52
CA GLY A 219 -2.91 -5.52 -7.65
C GLY A 219 -1.55 -5.05 -8.14
N ALA A 220 -0.49 -5.67 -7.64
CA ALA A 220 0.85 -5.36 -8.10
C ALA A 220 1.09 -5.81 -9.54
N ASP A 221 1.87 -5.04 -10.29
CA ASP A 221 2.32 -5.49 -11.60
C ASP A 221 3.64 -6.22 -11.47
N LEU A 222 4.43 -5.81 -10.52
CA LEU A 222 5.61 -6.54 -10.18
C LEU A 222 5.97 -6.28 -8.75
N CYS A 223 6.72 -7.22 -8.20
CA CYS A 223 7.18 -7.09 -6.83
C CYS A 223 8.69 -7.32 -6.80
N LEU A 224 9.37 -6.37 -6.18
CA LEU A 224 10.78 -6.53 -5.88
C LEU A 224 10.84 -7.02 -4.47
N LEU A 225 11.22 -8.30 -4.30
CA LEU A 225 11.12 -9.00 -3.03
C LEU A 225 12.51 -9.24 -2.45
N GLY A 226 12.75 -8.71 -1.28
CA GLY A 226 14.07 -8.77 -0.69
C GLY A 226 14.16 -10.02 0.17
N THR A 227 14.96 -10.98 -0.29
CA THR A 227 15.12 -12.26 0.41
C THR A 227 16.53 -12.38 0.95
N GLU A 228 16.77 -13.40 1.78
CA GLU A 228 18.11 -13.63 2.31
C GLU A 228 19.11 -14.01 1.23
N HIS A 229 18.62 -14.37 0.04
CA HIS A 229 19.48 -14.67 -1.09
C HIS A 229 19.49 -13.60 -2.17
N GLY A 230 18.91 -12.45 -1.88
CA GLY A 230 18.91 -11.33 -2.80
C GLY A 230 17.53 -10.91 -3.23
N VAL A 231 17.47 -9.92 -4.11
CA VAL A 231 16.19 -9.41 -4.60
C VAL A 231 15.66 -10.31 -5.72
N GLU A 232 14.43 -10.78 -5.54
CA GLU A 232 13.69 -11.47 -6.60
C GLU A 232 12.74 -10.50 -7.28
N THR A 233 12.60 -10.65 -8.59
CA THR A 233 11.63 -9.86 -9.32
C THR A 233 10.49 -10.78 -9.71
N LEU A 234 9.32 -10.51 -9.14
CA LEU A 234 8.11 -11.27 -9.42
C LEU A 234 7.20 -10.41 -10.29
N ARG A 235 6.55 -11.03 -11.26
N ARG A 235 6.53 -11.04 -11.25
CA ARG A 235 5.62 -10.34 -12.15
CA ARG A 235 5.63 -10.33 -12.15
C ARG A 235 4.26 -10.98 -12.16
C ARG A 235 4.26 -10.98 -12.13
N TYR A 236 3.23 -10.17 -12.34
CA TYR A 236 1.85 -10.62 -12.26
C TYR A 236 1.03 -10.09 -13.42
N ALA A 237 -0.07 -10.77 -13.72
CA ALA A 237 -0.99 -10.32 -14.75
C ALA A 237 -2.08 -9.41 -14.21
N ALA A 238 -2.42 -8.44 -15.03
CA ALA A 238 -3.64 -7.65 -14.87
C ALA A 238 -4.87 -8.54 -15.00
#